data_2WLQ
#
_entry.id   2WLQ
#
_cell.length_a   38.273
_cell.length_b   47.910
_cell.length_c   152.400
_cell.angle_alpha   90.00
_cell.angle_beta   90.00
_cell.angle_gamma   90.00
#
_symmetry.space_group_name_H-M   'P 21 21 21'
#
loop_
_entity.id
_entity.type
_entity.pdbx_description
1 polymer 'PUTATIVE LAMINARINASE'
2 branched alpha-D-mannopyranose-(1-2)-alpha-D-mannopyranose-(1-6)-[alpha-D-mannopyranose-(1-3)]alpha-D-mannopyranose-(1-6)-beta-D-mannopyranose-(1-4)-2-acetamido-2-deoxy-beta-D-glucopyranose-(1-4)-2-acetamido-2-deoxy-beta-D-glucopyranose
3 branched beta-D-glucopyranose-(1-3)-beta-D-glucopyranose-(1-3)-beta-D-glucopyranose-(1-3)-beta-D-glucopyranose-(1-3)-beta-D-glucopyranose-(1-3)-beta-D-glucopyranose-(1-3)-beta-D-glucopyranose
4 water water
#
_entity_poly.entity_id   1
_entity_poly.type   'polypeptide(L)'
_entity_poly.pdbx_seq_one_letter_code
;ATYHLEDNWVGSAFLSTFTHEAIADPTHGRVNYVDQATALAKNLTYASGDTLILRADHTTTLSPSGPGRNSVRIRSIKTY
TTHVAVFDVRHMPQGCGTWPAAWETDEGDWPNGGSVDIIEGVNDQSPNAMTLHTGANCAMPASRTMTGHATNNNCDVNTD
GNTGCGVQAPTANSYGPSFNANGGGWYAMERTNSFIKVWFFPRNAGNVPNDIASGPATINTDNWGTPTAFFPNTNCDIGS
HFDANNIIINLTFCGDWAGQASIFNGAGCPGSCVDYVNNNPSAFANAYWDIASVRVYQ
;
_entity_poly.pdbx_strand_id   A
#
# COMPACT_ATOMS: atom_id res chain seq x y z
N ALA A 1 -10.33 20.44 9.63
CA ALA A 1 -9.97 19.61 8.44
C ALA A 1 -8.94 20.30 7.56
N THR A 2 -8.33 21.37 8.07
CA THR A 2 -7.31 22.11 7.35
C THR A 2 -5.93 21.69 7.83
N TYR A 3 -5.05 21.35 6.89
CA TYR A 3 -3.68 20.87 7.24
C TYR A 3 -2.66 21.64 6.40
N HIS A 4 -1.39 21.64 6.83
CA HIS A 4 -0.34 22.32 6.09
C HIS A 4 0.83 21.38 5.81
N LEU A 5 1.53 21.64 4.71
CA LEU A 5 2.56 20.75 4.24
C LEU A 5 3.61 20.48 5.31
N GLU A 6 3.90 19.19 5.52
CA GLU A 6 4.91 18.75 6.48
C GLU A 6 6.11 18.09 5.81
N ASP A 7 5.86 17.29 4.77
CA ASP A 7 6.92 16.66 3.97
C ASP A 7 6.49 16.57 2.51
N ASN A 8 7.43 16.84 1.60
CA ASN A 8 7.16 16.79 0.19
C ASN A 8 8.26 15.94 -0.43
N TRP A 9 7.92 14.69 -0.76
CA TRP A 9 8.92 13.75 -1.29
C TRP A 9 8.73 13.47 -2.77
N VAL A 10 9.77 13.79 -3.55
CA VAL A 10 9.77 13.59 -4.99
C VAL A 10 11.15 13.07 -5.37
N GLY A 11 11.20 12.04 -6.22
CA GLY A 11 12.45 11.65 -6.83
C GLY A 11 13.50 11.26 -5.82
N SER A 12 14.70 11.84 -5.95
CA SER A 12 15.82 11.44 -5.11
C SER A 12 15.63 11.77 -3.61
N ALA A 13 14.64 12.62 -3.28
CA ALA A 13 14.38 12.90 -1.85
C ALA A 13 14.08 11.61 -1.07
N PHE A 14 13.48 10.61 -1.71
CA PHE A 14 13.14 9.39 -0.99
C PHE A 14 14.35 8.63 -0.47
N LEU A 15 15.52 8.87 -1.08
CA LEU A 15 16.74 8.18 -0.69
C LEU A 15 17.31 8.67 0.63
N SER A 16 16.93 9.88 1.02
CA SER A 16 17.37 10.38 2.33
C SER A 16 16.26 10.47 3.38
N THR A 17 15.01 10.34 2.98
CA THR A 17 13.92 10.48 3.95
C THR A 17 13.20 9.15 4.23
N PHE A 18 13.57 8.11 3.47
CA PHE A 18 13.10 6.74 3.73
C PHE A 18 14.35 5.87 3.86
N THR A 19 14.19 4.70 4.46
CA THR A 19 15.21 3.67 4.40
C THR A 19 14.67 2.46 3.67
N HIS A 20 15.55 1.61 3.15
CA HIS A 20 15.14 0.32 2.68
C HIS A 20 15.25 -0.68 3.79
N GLU A 21 14.22 -1.50 4.00
CA GLU A 21 14.26 -2.54 5.04
C GLU A 21 14.71 -3.84 4.43
N ALA A 22 15.92 -4.28 4.77
CA ALA A 22 16.44 -5.54 4.28
C ALA A 22 16.15 -6.58 5.34
N ILE A 23 14.90 -7.03 5.36
CA ILE A 23 14.37 -7.85 6.43
C ILE A 23 13.76 -9.10 5.87
N ALA A 24 13.74 -10.18 6.67
CA ALA A 24 12.91 -11.31 6.33
C ALA A 24 11.46 -10.83 6.22
N ASP A 25 10.74 -11.31 5.19
CA ASP A 25 9.38 -10.79 4.99
C ASP A 25 8.47 -11.23 6.13
N PRO A 26 7.90 -10.28 6.88
CA PRO A 26 7.02 -10.68 7.97
C PRO A 26 5.80 -11.47 7.46
N THR A 27 5.43 -11.32 6.19
CA THR A 27 4.31 -12.06 5.61
C THR A 27 4.75 -13.31 4.84
N HIS A 28 6.03 -13.68 5.00
CA HIS A 28 6.51 -14.99 4.56
C HIS A 28 6.45 -15.23 3.05
N GLY A 29 6.67 -14.14 2.32
CA GLY A 29 6.57 -14.23 0.85
C GLY A 29 7.82 -14.77 0.17
N ARG A 30 7.68 -15.02 -1.12
CA ARG A 30 8.80 -15.53 -1.92
C ARG A 30 9.59 -14.34 -2.44
N VAL A 31 10.20 -13.63 -1.50
CA VAL A 31 10.80 -12.33 -1.75
C VAL A 31 12.13 -12.27 -1.02
N ASN A 32 13.04 -11.49 -1.61
CA ASN A 32 14.27 -11.11 -0.93
C ASN A 32 14.34 -9.59 -0.92
N TYR A 33 14.05 -9.02 0.24
CA TYR A 33 14.10 -7.58 0.37
C TYR A 33 15.55 -7.12 0.51
N VAL A 34 15.99 -6.29 -0.42
CA VAL A 34 17.38 -5.86 -0.41
C VAL A 34 17.58 -4.50 0.25
N ASP A 35 18.82 -4.21 0.68
CA ASP A 35 19.10 -2.90 1.26
C ASP A 35 19.20 -1.79 0.22
N GLN A 36 19.33 -0.56 0.68
CA GLN A 36 19.32 0.55 -0.26
C GLN A 36 20.47 0.51 -1.28
N ALA A 37 21.68 0.21 -0.79
CA ALA A 37 22.81 0.17 -1.70
C ALA A 37 22.61 -0.89 -2.78
N THR A 38 22.13 -2.06 -2.34
CA THR A 38 21.92 -3.14 -3.30
C THR A 38 20.82 -2.78 -4.29
N ALA A 39 19.75 -2.19 -3.80
CA ALA A 39 18.64 -1.81 -4.67
C ALA A 39 19.08 -0.81 -5.72
N LEU A 40 19.88 0.18 -5.32
CA LEU A 40 20.30 1.22 -6.28
C LEU A 40 21.28 0.63 -7.30
N ALA A 41 22.21 -0.22 -6.84
CA ALA A 41 23.16 -0.84 -7.78
C ALA A 41 22.48 -1.73 -8.82
N LYS A 42 21.43 -2.44 -8.40
CA LYS A 42 20.69 -3.39 -9.25
C LYS A 42 19.51 -2.74 -9.95
N ASN A 43 19.30 -1.43 -9.71
CA ASN A 43 18.21 -0.68 -10.33
C ASN A 43 16.83 -1.21 -9.93
N LEU A 44 16.74 -1.78 -8.74
CA LEU A 44 15.45 -2.12 -8.15
C LEU A 44 14.78 -0.90 -7.52
N THR A 45 15.58 0.09 -7.18
CA THR A 45 15.08 1.42 -6.85
C THR A 45 15.76 2.39 -7.78
N TYR A 46 14.97 3.30 -8.33
CA TYR A 46 15.48 4.36 -9.21
C TYR A 46 14.79 5.64 -8.79
N ALA A 47 15.57 6.64 -8.40
CA ALA A 47 15.01 7.84 -7.72
C ALA A 47 15.72 9.07 -8.27
N SER A 48 15.06 9.74 -9.22
CA SER A 48 15.66 10.83 -9.99
C SER A 48 14.58 11.67 -10.69
N GLY A 49 14.83 12.96 -10.87
CA GLY A 49 13.84 13.83 -11.52
C GLY A 49 12.57 13.84 -10.67
N ASP A 50 11.41 13.71 -11.33
CA ASP A 50 10.13 13.65 -10.62
C ASP A 50 9.58 12.21 -10.54
N THR A 51 10.47 11.23 -10.44
CA THR A 51 10.08 9.80 -10.48
C THR A 51 10.80 9.00 -9.40
N LEU A 52 10.03 8.15 -8.72
CA LEU A 52 10.57 7.08 -7.89
C LEU A 52 10.03 5.78 -8.48
N ILE A 53 10.94 4.88 -8.85
CA ILE A 53 10.55 3.56 -9.30
C ILE A 53 11.03 2.57 -8.23
N LEU A 54 10.14 1.68 -7.83
CA LEU A 54 10.47 0.57 -6.92
C LEU A 54 9.99 -0.68 -7.64
N ARG A 55 10.90 -1.63 -7.91
N ARG A 55 10.92 -1.60 -7.94
CA ARG A 55 10.50 -2.77 -8.72
CA ARG A 55 10.59 -2.75 -8.79
C ARG A 55 11.12 -4.08 -8.27
C ARG A 55 11.11 -4.08 -8.25
N ALA A 56 10.55 -5.16 -8.78
CA ALA A 56 11.09 -6.49 -8.58
C ALA A 56 12.11 -6.82 -9.67
N ASP A 57 12.98 -7.77 -9.35
CA ASP A 57 13.88 -8.37 -10.34
C ASP A 57 13.03 -9.09 -11.38
N HIS A 58 13.24 -8.77 -12.65
CA HIS A 58 12.47 -9.39 -13.73
C HIS A 58 13.37 -10.12 -14.76
N THR A 59 14.55 -10.54 -14.28
CA THR A 59 15.51 -11.26 -15.13
C THR A 59 16.02 -12.58 -14.54
N THR A 60 16.14 -12.66 -13.22
CA THR A 60 16.72 -13.85 -12.60
C THR A 60 15.70 -14.99 -12.52
N THR A 61 16.13 -16.18 -12.92
CA THR A 61 15.38 -17.40 -12.63
C THR A 61 15.87 -17.87 -11.26
N LEU A 62 14.95 -18.01 -10.29
CA LEU A 62 15.40 -18.27 -8.93
C LEU A 62 15.84 -19.71 -8.72
N SER A 63 16.83 -19.88 -7.84
CA SER A 63 17.17 -21.21 -7.37
C SER A 63 16.08 -21.60 -6.39
N PRO A 64 15.48 -22.78 -6.59
CA PRO A 64 14.40 -23.18 -5.67
C PRO A 64 14.82 -23.26 -4.20
N SER A 65 16.08 -23.61 -3.94
N SER A 65 16.08 -23.62 -3.93
CA SER A 65 16.59 -23.69 -2.57
CA SER A 65 16.59 -23.68 -2.56
C SER A 65 17.07 -22.33 -2.06
C SER A 65 17.37 -22.43 -2.17
N GLY A 66 17.27 -21.39 -2.99
CA GLY A 66 17.83 -20.09 -2.66
C GLY A 66 16.77 -19.09 -2.26
N PRO A 67 17.16 -17.82 -2.04
CA PRO A 67 16.23 -16.77 -1.58
C PRO A 67 15.18 -16.45 -2.66
N GLY A 68 14.16 -15.70 -2.22
CA GLY A 68 13.07 -15.30 -3.10
C GLY A 68 13.43 -14.19 -4.06
N ARG A 69 12.42 -13.70 -4.75
CA ARG A 69 12.69 -12.74 -5.83
C ARG A 69 13.06 -11.38 -5.26
N ASN A 70 14.12 -10.75 -5.79
CA ASN A 70 14.57 -9.49 -5.19
C ASN A 70 13.51 -8.41 -5.36
N SER A 71 13.33 -7.63 -4.31
CA SER A 71 12.33 -6.57 -4.30
C SER A 71 12.71 -5.62 -3.18
N VAL A 72 11.86 -4.60 -3.00
CA VAL A 72 12.17 -3.59 -2.01
C VAL A 72 10.97 -3.24 -1.13
N ARG A 73 11.31 -2.80 0.08
CA ARG A 73 10.35 -2.32 1.09
C ARG A 73 10.95 -1.09 1.70
N ILE A 74 10.34 0.07 1.47
CA ILE A 74 10.90 1.34 1.97
C ILE A 74 10.02 1.88 3.08
N ARG A 75 10.63 2.56 4.05
CA ARG A 75 9.95 2.99 5.28
C ARG A 75 10.35 4.43 5.59
N SER A 76 9.40 5.30 5.84
CA SER A 76 9.72 6.70 6.15
C SER A 76 10.51 6.75 7.46
N ILE A 77 11.51 7.63 7.51
CA ILE A 77 12.23 7.83 8.77
C ILE A 77 11.31 8.47 9.81
N LYS A 78 10.52 9.45 9.37
CA LYS A 78 9.61 10.13 10.29
C LYS A 78 8.34 9.29 10.59
N THR A 79 7.72 9.57 11.73
CA THR A 79 6.45 8.95 12.08
C THR A 79 5.37 10.03 12.24
N TYR A 80 4.10 9.62 12.15
CA TYR A 80 2.98 10.56 12.07
C TYR A 80 1.83 10.04 12.91
N THR A 81 1.07 10.97 13.48
CA THR A 81 -0.16 10.63 14.20
C THR A 81 -1.35 11.22 13.43
N THR A 82 -1.80 12.42 13.81
CA THR A 82 -2.86 13.08 13.07
C THR A 82 -2.25 13.76 11.85
N HIS A 83 -2.64 13.31 10.67
CA HIS A 83 -2.02 13.77 9.45
C HIS A 83 -2.84 13.39 8.24
N VAL A 84 -2.46 13.96 7.09
CA VAL A 84 -2.96 13.48 5.80
C VAL A 84 -1.76 13.07 4.94
N ALA A 85 -1.81 11.90 4.32
CA ALA A 85 -0.76 11.48 3.37
C ALA A 85 -1.39 11.36 1.98
N VAL A 86 -0.72 11.94 0.99
CA VAL A 86 -1.24 11.93 -0.39
C VAL A 86 -0.21 11.28 -1.30
N PHE A 87 -0.62 10.22 -2.02
CA PHE A 87 0.28 9.45 -2.91
C PHE A 87 -0.15 9.70 -4.35
N ASP A 88 0.72 10.26 -5.18
CA ASP A 88 0.44 10.49 -6.61
C ASP A 88 1.16 9.34 -7.32
N VAL A 89 0.38 8.34 -7.76
CA VAL A 89 0.96 7.06 -8.22
C VAL A 89 0.62 6.84 -9.70
N ARG A 90 1.66 6.73 -10.53
CA ARG A 90 1.48 6.52 -11.96
C ARG A 90 1.29 5.05 -12.31
N HIS A 91 1.91 4.17 -11.53
CA HIS A 91 1.86 2.75 -11.83
C HIS A 91 2.08 2.01 -10.53
N MET A 92 1.39 0.87 -10.38
CA MET A 92 1.65 -0.02 -9.22
C MET A 92 2.01 -1.41 -9.76
N PRO A 93 2.66 -2.23 -8.94
CA PRO A 93 3.05 -3.55 -9.45
C PRO A 93 1.87 -4.39 -9.92
N GLN A 94 2.08 -5.08 -11.04
CA GLN A 94 1.17 -6.11 -11.50
C GLN A 94 1.92 -7.39 -11.88
N GLY A 95 1.14 -8.47 -11.89
CA GLY A 95 1.64 -9.80 -12.24
C GLY A 95 1.09 -10.83 -11.26
N CYS A 96 0.97 -12.07 -11.74
CA CYS A 96 0.54 -13.12 -10.86
C CYS A 96 1.57 -13.31 -9.74
N GLY A 97 1.05 -13.49 -8.54
CA GLY A 97 1.89 -13.64 -7.37
C GLY A 97 2.23 -12.34 -6.64
N THR A 98 1.96 -11.19 -7.28
CA THR A 98 2.35 -9.90 -6.66
C THR A 98 1.44 -9.52 -5.50
N TRP A 99 2.04 -8.87 -4.52
CA TRP A 99 1.30 -8.36 -3.35
C TRP A 99 1.97 -7.03 -2.97
N PRO A 100 1.57 -5.95 -3.69
CA PRO A 100 2.10 -4.64 -3.40
C PRO A 100 1.27 -3.96 -2.27
N ALA A 101 1.89 -2.99 -1.59
CA ALA A 101 1.12 -2.24 -0.60
C ALA A 101 1.77 -0.88 -0.34
N ALA A 102 0.89 0.08 -0.03
CA ALA A 102 1.29 1.38 0.50
C ALA A 102 0.47 1.51 1.76
N TRP A 103 1.14 1.69 2.90
CA TRP A 103 0.48 1.55 4.18
C TRP A 103 1.23 2.25 5.29
N GLU A 104 0.65 2.24 6.49
CA GLU A 104 1.30 2.85 7.65
C GLU A 104 1.22 1.89 8.82
N THR A 105 2.27 1.89 9.64
CA THR A 105 2.29 1.04 10.85
C THR A 105 3.39 1.44 11.80
N ASP A 106 3.37 0.90 13.02
CA ASP A 106 4.53 0.93 13.92
C ASP A 106 4.95 -0.51 14.02
N GLU A 107 6.02 -0.88 13.30
CA GLU A 107 6.47 -2.28 13.29
C GLU A 107 6.87 -2.76 14.67
N GLY A 108 7.36 -1.83 15.49
CA GLY A 108 7.93 -2.13 16.80
C GLY A 108 6.95 -2.69 17.81
N ASP A 109 5.66 -2.47 17.61
CA ASP A 109 4.69 -3.00 18.55
C ASP A 109 3.45 -3.55 17.87
N TRP A 110 3.60 -4.00 16.63
CA TRP A 110 2.47 -4.47 15.85
C TRP A 110 1.80 -5.64 16.58
N PRO A 111 0.46 -5.71 16.60
CA PRO A 111 -0.54 -4.83 15.97
C PRO A 111 -1.03 -3.68 16.85
N ASN A 112 -0.40 -3.49 18.00
CA ASN A 112 -0.92 -2.59 19.03
C ASN A 112 -0.79 -1.12 18.69
N GLY A 113 0.12 -0.82 17.76
CA GLY A 113 0.24 0.53 17.25
C GLY A 113 -0.55 0.74 15.97
N GLY A 114 -1.34 -0.27 15.55
CA GLY A 114 -2.19 -0.18 14.38
C GLY A 114 -1.44 -0.39 13.08
N SER A 115 -2.19 -0.79 12.05
CA SER A 115 -1.73 -0.59 10.67
C SER A 115 -2.94 -0.20 9.83
N VAL A 116 -2.70 0.69 8.87
CA VAL A 116 -3.71 1.12 7.89
C VAL A 116 -3.14 0.89 6.50
N ASP A 117 -3.84 0.07 5.72
N ASP A 117 -3.81 0.08 5.71
CA ASP A 117 -3.49 -0.22 4.33
CA ASP A 117 -3.38 -0.08 4.33
C ASP A 117 -4.25 0.77 3.43
C ASP A 117 -4.22 0.75 3.42
N ILE A 118 -3.53 1.57 2.66
CA ILE A 118 -4.12 2.57 1.78
C ILE A 118 -4.27 1.97 0.36
N ILE A 119 -3.20 1.33 -0.14
CA ILE A 119 -3.25 0.58 -1.38
C ILE A 119 -2.83 -0.85 -1.03
N GLU A 120 -3.63 -1.85 -1.43
CA GLU A 120 -3.22 -3.24 -1.18
C GLU A 120 -4.06 -4.16 -2.03
N GLY A 121 -3.43 -5.20 -2.53
CA GLY A 121 -4.15 -6.28 -3.17
C GLY A 121 -3.19 -7.38 -3.54
N VAL A 122 -3.74 -8.40 -4.20
CA VAL A 122 -2.94 -9.57 -4.59
C VAL A 122 -3.31 -10.04 -5.97
N ASN A 123 -2.31 -10.56 -6.69
CA ASN A 123 -2.56 -11.33 -7.90
C ASN A 123 -3.40 -10.62 -8.93
N ASP A 124 -3.22 -9.30 -9.03
CA ASP A 124 -3.92 -8.49 -10.04
C ASP A 124 -5.42 -8.41 -9.83
N GLN A 125 -5.89 -8.77 -8.63
CA GLN A 125 -7.32 -8.79 -8.42
C GLN A 125 -7.86 -7.43 -7.94
N SER A 126 -8.41 -6.66 -8.87
CA SER A 126 -9.16 -5.44 -8.51
C SER A 126 -10.44 -5.80 -7.79
N PRO A 127 -10.99 -4.89 -6.97
CA PRO A 127 -10.53 -3.53 -6.66
C PRO A 127 -9.53 -3.46 -5.49
N ASN A 128 -9.08 -2.24 -5.27
CA ASN A 128 -8.24 -1.98 -4.11
C ASN A 128 -8.96 -2.28 -2.81
N ALA A 129 -8.17 -2.66 -1.81
CA ALA A 129 -8.67 -2.88 -0.45
C ALA A 129 -7.98 -1.92 0.50
N MET A 130 -8.77 -1.29 1.35
CA MET A 130 -8.26 -0.39 2.38
C MET A 130 -8.68 -1.01 3.70
N THR A 131 -7.72 -1.27 4.58
CA THR A 131 -7.94 -2.16 5.72
C THR A 131 -7.21 -1.68 6.94
N LEU A 132 -7.83 -1.80 8.10
CA LEU A 132 -7.11 -1.61 9.38
C LEU A 132 -6.88 -2.92 10.07
N HIS A 133 -5.74 -2.99 10.74
CA HIS A 133 -5.43 -4.14 11.66
C HIS A 133 -5.08 -3.55 13.00
N THR A 134 -5.76 -4.03 14.06
CA THR A 134 -5.55 -3.49 15.40
C THR A 134 -5.49 -4.64 16.40
N GLY A 135 -5.26 -4.26 17.67
CA GLY A 135 -5.51 -5.16 18.82
C GLY A 135 -6.99 -5.20 19.17
N ALA A 136 -7.30 -5.70 20.37
CA ALA A 136 -8.67 -5.97 20.77
C ALA A 136 -9.58 -4.76 20.85
N ASN A 137 -10.88 -4.99 20.69
CA ASN A 137 -11.90 -3.97 20.93
C ASN A 137 -11.86 -2.87 19.88
N CYS A 138 -11.88 -3.27 18.62
CA CYS A 138 -11.97 -2.28 17.55
C CYS A 138 -12.73 -2.88 16.39
N ALA A 139 -13.94 -2.36 16.18
CA ALA A 139 -14.80 -2.79 15.09
C ALA A 139 -15.42 -1.60 14.42
N MET A 140 -16.09 -1.87 13.30
CA MET A 140 -16.68 -0.82 12.49
C MET A 140 -18.17 -1.09 12.36
N PRO A 141 -18.96 -0.01 12.29
CA PRO A 141 -20.41 -0.20 12.09
C PRO A 141 -20.71 -0.77 10.73
N ALA A 142 -21.82 -1.51 10.63
CA ALA A 142 -22.20 -2.15 9.40
C ALA A 142 -22.44 -1.12 8.30
N SER A 143 -22.94 0.05 8.68
CA SER A 143 -23.25 1.10 7.72
C SER A 143 -22.58 2.38 8.15
N ARG A 144 -21.87 3.00 7.21
CA ARG A 144 -21.31 4.32 7.43
C ARG A 144 -21.02 4.95 6.06
N THR A 145 -20.95 6.27 6.06
CA THR A 145 -20.87 6.98 4.79
C THR A 145 -19.49 6.85 4.10
N MET A 146 -19.52 6.22 2.94
CA MET A 146 -18.34 6.01 2.13
C MET A 146 -18.81 5.50 0.77
N THR A 147 -17.96 5.56 -0.24
CA THR A 147 -18.32 5.05 -1.56
C THR A 147 -18.00 3.56 -1.73
N GLY A 148 -17.08 3.02 -0.93
CA GLY A 148 -16.70 1.61 -1.04
C GLY A 148 -17.60 0.70 -0.23
N HIS A 149 -17.28 -0.58 -0.23
CA HIS A 149 -18.12 -1.59 0.39
C HIS A 149 -17.33 -2.32 1.45
N ALA A 150 -17.82 -2.31 2.69
CA ALA A 150 -17.16 -3.00 3.77
C ALA A 150 -17.27 -4.49 3.59
N THR A 151 -16.19 -5.20 3.85
CA THR A 151 -16.26 -6.64 3.87
C THR A 151 -16.27 -7.06 5.35
N ASN A 152 -15.11 -7.17 5.96
CA ASN A 152 -14.99 -7.58 7.36
C ASN A 152 -15.04 -6.34 8.23
N ASN A 153 -15.78 -6.37 9.34
CA ASN A 153 -15.92 -5.19 10.20
C ASN A 153 -15.22 -5.29 11.57
N ASN A 154 -14.54 -6.42 11.85
CA ASN A 154 -13.77 -6.54 13.08
C ASN A 154 -12.28 -6.33 12.78
N CYS A 155 -11.70 -5.28 13.32
CA CYS A 155 -10.29 -4.94 12.99
C CYS A 155 -9.25 -5.71 13.79
N ASP A 156 -9.68 -6.40 14.86
CA ASP A 156 -8.76 -7.10 15.76
C ASP A 156 -8.14 -8.32 15.11
N VAL A 157 -6.81 -8.28 14.98
CA VAL A 157 -6.06 -9.35 14.30
C VAL A 157 -6.27 -10.72 14.94
N ASN A 158 -6.56 -10.71 16.23
CA ASN A 158 -6.59 -11.94 17.03
C ASN A 158 -7.93 -12.66 16.96
N THR A 159 -8.98 -11.94 16.61
CA THR A 159 -10.31 -12.53 16.56
C THR A 159 -10.91 -12.40 15.17
N ASP A 160 -10.10 -11.99 14.20
CA ASP A 160 -10.61 -11.84 12.84
C ASP A 160 -9.83 -12.62 11.79
N GLY A 161 -9.02 -13.59 12.23
CA GLY A 161 -8.27 -14.44 11.29
C GLY A 161 -7.27 -13.63 10.49
N ASN A 162 -6.90 -12.48 11.06
CA ASN A 162 -5.96 -11.55 10.46
C ASN A 162 -6.49 -10.87 9.20
N THR A 163 -7.80 -10.90 8.94
CA THR A 163 -8.33 -10.19 7.78
C THR A 163 -8.30 -8.69 7.98
N GLY A 164 -8.33 -8.24 9.23
CA GLY A 164 -8.57 -6.81 9.54
C GLY A 164 -10.01 -6.39 9.24
N CYS A 165 -10.29 -5.09 9.37
CA CYS A 165 -11.56 -4.53 8.91
C CYS A 165 -11.30 -3.75 7.63
N GLY A 166 -11.92 -4.20 6.55
CA GLY A 166 -11.57 -3.70 5.23
C GLY A 166 -12.74 -3.16 4.46
N VAL A 167 -12.40 -2.36 3.46
CA VAL A 167 -13.34 -1.77 2.51
C VAL A 167 -12.76 -1.98 1.12
N GLN A 168 -13.62 -2.41 0.19
CA GLN A 168 -13.28 -2.55 -1.23
C GLN A 168 -13.65 -1.30 -1.99
N ALA A 169 -12.72 -0.75 -2.78
CA ALA A 169 -13.04 0.43 -3.60
C ALA A 169 -14.10 0.07 -4.66
N PRO A 170 -14.91 1.05 -5.07
CA PRO A 170 -16.01 0.74 -6.02
C PRO A 170 -15.65 0.62 -7.49
N THR A 171 -14.46 0.99 -7.90
CA THR A 171 -14.11 0.93 -9.34
C THR A 171 -12.90 0.02 -9.57
N ALA A 172 -12.87 -0.63 -10.73
CA ALA A 172 -11.76 -1.54 -11.04
C ALA A 172 -10.44 -0.78 -11.18
N ASN A 173 -10.51 0.45 -11.69
CA ASN A 173 -9.30 1.23 -11.96
C ASN A 173 -8.64 1.75 -10.66
N SER A 174 -9.17 1.34 -9.52
CA SER A 174 -8.52 1.59 -8.23
C SER A 174 -7.28 0.69 -8.04
N TYR A 175 -7.11 -0.36 -8.86
CA TYR A 175 -6.06 -1.32 -8.59
C TYR A 175 -5.62 -2.05 -9.84
N GLY A 176 -4.36 -2.50 -9.82
CA GLY A 176 -3.91 -3.53 -10.73
C GLY A 176 -3.78 -3.10 -12.16
N PRO A 177 -3.87 -4.05 -13.11
CA PRO A 177 -3.79 -3.69 -14.51
C PRO A 177 -4.75 -2.61 -14.95
N SER A 178 -5.95 -2.57 -14.38
CA SER A 178 -6.92 -1.55 -14.73
C SER A 178 -6.40 -0.16 -14.32
N PHE A 179 -5.88 -0.05 -13.09
CA PHE A 179 -5.26 1.21 -12.60
C PHE A 179 -4.10 1.58 -13.53
N ASN A 180 -3.24 0.62 -13.87
CA ASN A 180 -2.08 0.93 -14.67
C ASN A 180 -2.46 1.39 -16.07
N ALA A 181 -3.48 0.78 -16.65
CA ALA A 181 -3.89 1.18 -18.01
C ALA A 181 -4.39 2.62 -18.03
N ASN A 182 -4.95 3.04 -16.91
CA ASN A 182 -5.50 4.36 -16.77
C ASN A 182 -4.51 5.41 -16.30
N GLY A 183 -3.24 5.03 -16.13
CA GLY A 183 -2.26 5.99 -15.67
C GLY A 183 -2.26 6.24 -14.18
N GLY A 184 -2.90 5.34 -13.42
CA GLY A 184 -2.82 5.45 -11.97
C GLY A 184 -3.85 6.42 -11.40
N GLY A 185 -3.40 7.23 -10.43
CA GLY A 185 -4.29 8.16 -9.77
C GLY A 185 -3.68 8.56 -8.44
N TRP A 186 -4.55 9.14 -7.62
CA TRP A 186 -4.17 9.64 -6.32
C TRP A 186 -4.89 8.91 -5.21
N TYR A 187 -4.14 8.57 -4.16
CA TYR A 187 -4.72 8.03 -2.95
C TYR A 187 -4.39 9.01 -1.84
N ALA A 188 -5.38 9.35 -1.03
CA ALA A 188 -5.15 10.23 0.13
C ALA A 188 -5.74 9.58 1.35
N MET A 189 -5.06 9.71 2.48
CA MET A 189 -5.55 9.13 3.73
C MET A 189 -5.48 10.22 4.80
N GLU A 190 -6.59 10.47 5.50
CA GLU A 190 -6.64 11.37 6.65
C GLU A 190 -6.84 10.56 7.89
N ARG A 191 -5.94 10.77 8.87
CA ARG A 191 -6.07 10.10 10.16
C ARG A 191 -6.20 11.14 11.26
N THR A 192 -7.24 10.99 12.06
CA THR A 192 -7.39 11.85 13.23
C THR A 192 -7.68 10.95 14.41
N ASN A 193 -7.91 11.55 15.58
CA ASN A 193 -8.24 10.76 16.75
C ASN A 193 -9.57 10.05 16.61
N SER A 194 -10.44 10.62 15.75
CA SER A 194 -11.82 10.17 15.56
C SER A 194 -12.11 9.27 14.37
N PHE A 195 -11.21 9.20 13.39
CA PHE A 195 -11.48 8.40 12.20
C PHE A 195 -10.24 8.25 11.37
N ILE A 196 -10.30 7.25 10.51
CA ILE A 196 -9.42 7.18 9.33
C ILE A 196 -10.30 7.22 8.06
N LYS A 197 -9.90 8.00 7.08
CA LYS A 197 -10.58 8.05 5.76
C LYS A 197 -9.55 7.85 4.67
N VAL A 198 -9.95 7.16 3.61
CA VAL A 198 -9.13 7.05 2.39
C VAL A 198 -9.97 7.48 1.20
N TRP A 199 -9.38 8.31 0.32
CA TRP A 199 -10.02 8.68 -0.94
C TRP A 199 -9.14 8.16 -2.07
N PHE A 200 -9.79 7.65 -3.13
CA PHE A 200 -9.11 7.36 -4.40
C PHE A 200 -9.67 8.26 -5.47
N PHE A 201 -8.80 8.88 -6.26
CA PHE A 201 -9.24 9.58 -7.47
C PHE A 201 -8.44 9.06 -8.67
N PRO A 202 -9.13 8.50 -9.67
CA PRO A 202 -8.43 8.06 -10.87
C PRO A 202 -7.73 9.21 -11.61
N ARG A 203 -6.68 8.84 -12.33
CA ARG A 203 -5.87 9.83 -13.05
C ARG A 203 -6.70 10.78 -13.93
N ASN A 204 -7.74 10.22 -14.53
CA ASN A 204 -8.56 10.98 -15.49
C ASN A 204 -9.83 11.58 -14.89
N ALA A 205 -9.97 11.53 -13.57
CA ALA A 205 -11.17 12.07 -12.91
C ALA A 205 -11.34 13.56 -13.15
N GLY A 206 -12.58 13.95 -13.48
CA GLY A 206 -12.91 15.36 -13.63
C GLY A 206 -13.15 16.04 -12.29
N ASN A 207 -13.17 15.27 -11.22
CA ASN A 207 -13.46 15.79 -9.88
C ASN A 207 -12.31 15.69 -8.88
N VAL A 208 -11.10 15.53 -9.36
CA VAL A 208 -10.00 15.46 -8.41
C VAL A 208 -9.78 16.82 -7.74
N PRO A 209 -9.78 16.88 -6.40
CA PRO A 209 -9.52 18.19 -5.80
C PRO A 209 -8.15 18.74 -6.17
N ASN A 210 -8.04 20.04 -6.45
CA ASN A 210 -6.76 20.65 -6.74
C ASN A 210 -5.77 20.45 -5.58
N ASP A 211 -6.30 20.38 -4.35
CA ASP A 211 -5.56 20.06 -3.11
C ASP A 211 -4.71 18.82 -3.26
N ILE A 212 -5.32 17.83 -3.86
CA ILE A 212 -4.72 16.53 -4.08
C ILE A 212 -3.81 16.56 -5.32
N ALA A 213 -4.33 17.09 -6.42
CA ALA A 213 -3.61 17.00 -7.70
C ALA A 213 -2.37 17.89 -7.81
N SER A 214 -2.48 19.11 -7.29
CA SER A 214 -1.40 20.09 -7.46
C SER A 214 -0.48 20.20 -6.25
N GLY A 215 -0.88 19.59 -5.13
CA GLY A 215 -0.05 19.60 -3.93
C GLY A 215 0.41 20.97 -3.44
N PRO A 216 -0.54 21.86 -3.10
CA PRO A 216 -0.22 23.15 -2.52
C PRO A 216 0.17 22.99 -1.07
N ALA A 217 0.46 24.11 -0.43
CA ALA A 217 0.92 24.08 0.94
C ALA A 217 -0.17 23.87 1.98
N THR A 218 -1.42 24.21 1.63
CA THR A 218 -2.58 24.07 2.53
C THR A 218 -3.66 23.24 1.86
N ILE A 219 -4.23 22.31 2.61
CA ILE A 219 -5.36 21.49 2.13
C ILE A 219 -6.50 21.53 3.11
N ASN A 220 -7.70 21.22 2.60
CA ASN A 220 -8.88 21.17 3.42
C ASN A 220 -9.72 19.99 2.97
N THR A 221 -9.79 18.97 3.80
CA THR A 221 -10.45 17.74 3.38
C THR A 221 -11.98 17.87 3.30
N ASP A 222 -12.53 18.94 3.87
CA ASP A 222 -13.99 19.16 3.82
C ASP A 222 -14.50 19.31 2.40
N ASN A 223 -13.57 19.59 1.48
CA ASN A 223 -13.89 19.83 0.08
C ASN A 223 -13.70 18.60 -0.83
N TRP A 224 -13.40 17.44 -0.23
CA TRP A 224 -12.94 16.31 -1.03
C TRP A 224 -14.02 15.30 -1.40
N GLY A 225 -15.27 15.59 -1.03
CA GLY A 225 -16.36 14.62 -1.24
C GLY A 225 -16.31 13.46 -0.26
N THR A 226 -17.19 12.51 -0.45
CA THR A 226 -17.29 11.34 0.43
C THR A 226 -16.05 10.46 0.24
N PRO A 227 -15.48 9.98 1.36
CA PRO A 227 -14.32 9.10 1.21
C PRO A 227 -14.68 7.76 0.60
N THR A 228 -13.66 7.11 0.02
CA THR A 228 -13.83 5.77 -0.50
C THR A 228 -13.97 4.77 0.63
N ALA A 229 -13.12 4.93 1.65
CA ALA A 229 -13.20 4.08 2.85
C ALA A 229 -13.29 4.99 4.07
N PHE A 230 -14.17 4.63 4.99
CA PHE A 230 -14.35 5.41 6.23
C PHE A 230 -14.31 4.46 7.39
N PHE A 231 -13.44 4.78 8.37
CA PHE A 231 -13.32 3.99 9.60
C PHE A 231 -13.61 4.93 10.77
N PRO A 232 -14.90 5.08 11.15
CA PRO A 232 -15.26 5.97 12.24
C PRO A 232 -14.95 5.35 13.60
N ASN A 233 -15.15 6.13 14.65
CA ASN A 233 -14.87 5.67 16.01
C ASN A 233 -16.08 5.14 16.76
N THR A 234 -17.17 4.87 16.04
CA THR A 234 -18.43 4.39 16.62
C THR A 234 -18.21 3.21 17.57
N ASN A 235 -17.34 2.28 17.17
CA ASN A 235 -17.07 1.05 17.92
C ASN A 235 -15.57 0.77 18.03
N CYS A 236 -14.78 1.84 17.95
CA CYS A 236 -13.32 1.74 17.99
C CYS A 236 -12.73 3.08 18.37
N ASP A 237 -12.00 3.12 19.48
CA ASP A 237 -11.29 4.33 19.85
C ASP A 237 -10.05 4.39 18.95
N ILE A 238 -10.16 5.13 17.84
CA ILE A 238 -9.14 5.08 16.80
C ILE A 238 -7.78 5.49 17.39
N GLY A 239 -7.76 6.61 18.10
CA GLY A 239 -6.49 7.15 18.62
C GLY A 239 -5.83 6.21 19.63
N SER A 240 -6.60 5.39 20.34
CA SER A 240 -6.03 4.47 21.33
C SER A 240 -5.51 3.17 20.70
N HIS A 241 -5.82 2.96 19.41
CA HIS A 241 -5.35 1.77 18.70
C HIS A 241 -4.25 2.07 17.72
N PHE A 242 -3.93 3.35 17.55
CA PHE A 242 -2.90 3.76 16.58
C PHE A 242 -1.92 4.61 17.31
N ASP A 243 -0.64 4.35 17.10
CA ASP A 243 0.26 5.36 17.61
C ASP A 243 1.00 6.01 16.47
N ALA A 244 2.20 6.54 16.69
CA ALA A 244 2.91 7.24 15.64
C ALA A 244 3.39 6.19 14.66
N ASN A 245 3.05 6.37 13.38
CA ASN A 245 3.28 5.35 12.37
C ASN A 245 4.21 5.85 11.28
N ASN A 246 5.04 4.95 10.76
CA ASN A 246 5.80 5.21 9.54
C ASN A 246 4.96 4.86 8.31
N ILE A 247 5.32 5.47 7.19
CA ILE A 247 4.76 5.10 5.88
C ILE A 247 5.66 4.04 5.28
N ILE A 248 5.04 2.98 4.76
CA ILE A 248 5.76 1.89 4.11
C ILE A 248 5.21 1.64 2.72
N ILE A 249 6.10 1.46 1.75
CA ILE A 249 5.71 1.09 0.38
C ILE A 249 6.55 -0.12 0.01
N ASN A 250 5.90 -1.21 -0.38
CA ASN A 250 6.63 -2.46 -0.62
C ASN A 250 6.02 -3.29 -1.74
N LEU A 251 6.75 -4.33 -2.11
CA LEU A 251 6.21 -5.33 -3.01
C LEU A 251 6.74 -6.68 -2.58
N THR A 252 5.83 -7.56 -2.15
CA THR A 252 6.17 -8.94 -1.87
C THR A 252 5.50 -9.84 -2.89
N PHE A 253 5.77 -11.13 -2.78
CA PHE A 253 5.23 -12.14 -3.66
C PHE A 253 4.73 -13.33 -2.85
N CYS A 254 3.62 -13.92 -3.29
CA CYS A 254 3.08 -15.11 -2.63
C CYS A 254 2.88 -14.83 -1.13
N GLY A 255 3.35 -15.70 -0.24
CA GLY A 255 3.21 -15.42 1.19
C GLY A 255 1.83 -15.67 1.75
N ASP A 256 1.58 -15.13 2.93
CA ASP A 256 0.46 -15.59 3.73
C ASP A 256 -0.91 -15.29 3.12
N TRP A 257 -1.00 -14.23 2.30
CA TRP A 257 -2.24 -13.92 1.62
C TRP A 257 -2.17 -14.35 0.15
N ALA A 258 -1.32 -13.71 -0.66
CA ALA A 258 -1.30 -13.94 -2.09
C ALA A 258 -0.96 -15.38 -2.51
N GLY A 259 -0.24 -16.08 -1.64
CA GLY A 259 0.28 -17.39 -1.99
C GLY A 259 -0.64 -18.55 -1.67
N GLN A 260 -1.75 -18.30 -0.98
CA GLN A 260 -2.73 -19.37 -0.73
C GLN A 260 -3.22 -19.90 -2.06
N ALA A 261 -3.25 -21.22 -2.23
CA ALA A 261 -3.66 -21.80 -3.50
C ALA A 261 -5.03 -21.32 -3.98
N SER A 262 -6.00 -21.31 -3.06
CA SER A 262 -7.36 -20.93 -3.42
C SER A 262 -7.38 -19.52 -3.97
N ILE A 263 -6.59 -18.66 -3.34
CA ILE A 263 -6.52 -17.25 -3.72
C ILE A 263 -5.75 -17.07 -5.03
N PHE A 264 -4.56 -17.67 -5.12
CA PHE A 264 -3.74 -17.56 -6.33
C PHE A 264 -4.45 -18.15 -7.54
N ASN A 265 -4.92 -19.39 -7.43
CA ASN A 265 -5.63 -20.01 -8.55
C ASN A 265 -6.99 -19.35 -8.83
N GLY A 266 -7.65 -18.91 -7.76
CA GLY A 266 -8.90 -18.15 -7.84
C GLY A 266 -8.78 -16.92 -8.73
N ALA A 267 -7.60 -16.31 -8.70
CA ALA A 267 -7.30 -15.11 -9.49
C ALA A 267 -6.99 -15.43 -10.94
N GLY A 268 -7.08 -16.70 -11.31
CA GLY A 268 -6.74 -17.13 -12.67
C GLY A 268 -5.26 -17.38 -12.93
N CYS A 269 -4.48 -17.47 -11.86
CA CYS A 269 -3.05 -17.71 -12.00
C CYS A 269 -2.74 -19.21 -12.00
N PRO A 270 -1.82 -19.65 -12.87
CA PRO A 270 -1.57 -21.08 -13.06
C PRO A 270 -0.55 -21.69 -12.09
N GLY A 271 -0.84 -22.90 -11.60
CA GLY A 271 0.13 -23.67 -10.80
C GLY A 271 0.27 -23.16 -9.37
N SER A 272 1.46 -23.30 -8.79
CA SER A 272 1.73 -22.78 -7.47
C SER A 272 2.40 -21.43 -7.60
N CYS A 273 2.15 -20.60 -6.60
CA CYS A 273 2.65 -19.24 -6.64
C CYS A 273 4.18 -19.24 -6.59
N VAL A 274 4.78 -20.04 -5.70
CA VAL A 274 6.23 -20.05 -5.61
C VAL A 274 6.89 -20.52 -6.91
N ASP A 275 6.37 -21.59 -7.49
CA ASP A 275 6.92 -22.06 -8.76
C ASP A 275 6.82 -20.96 -9.85
N TYR A 276 5.69 -20.27 -9.88
CA TYR A 276 5.47 -19.22 -10.88
C TYR A 276 6.49 -18.09 -10.66
N VAL A 277 6.62 -17.67 -9.42
CA VAL A 277 7.53 -16.58 -9.11
C VAL A 277 8.98 -16.96 -9.37
N ASN A 278 9.35 -18.22 -9.07
CA ASN A 278 10.71 -18.66 -9.34
C ASN A 278 11.05 -18.60 -10.82
N ASN A 279 10.10 -19.04 -11.65
CA ASN A 279 10.42 -19.44 -13.04
C ASN A 279 9.98 -18.54 -14.15
N ASN A 280 9.33 -17.43 -13.81
CA ASN A 280 8.82 -16.52 -14.83
C ASN A 280 9.31 -15.08 -14.63
N PRO A 281 10.63 -14.87 -14.63
CA PRO A 281 11.13 -13.50 -14.42
C PRO A 281 10.48 -12.45 -15.34
N SER A 282 10.33 -12.78 -16.61
N SER A 282 10.31 -12.74 -16.62
CA SER A 282 9.80 -11.82 -17.58
CA SER A 282 9.81 -11.73 -17.55
C SER A 282 8.42 -11.33 -17.19
C SER A 282 8.34 -11.36 -17.30
N ALA A 283 7.65 -12.19 -16.54
CA ALA A 283 6.28 -11.89 -16.15
C ALA A 283 6.21 -10.76 -15.10
N PHE A 284 7.38 -10.38 -14.57
CA PHE A 284 7.48 -9.30 -13.56
C PHE A 284 8.04 -8.01 -14.09
N ALA A 285 8.14 -7.90 -15.41
CA ALA A 285 8.60 -6.65 -16.01
C ALA A 285 7.73 -5.44 -15.61
N ASN A 286 6.44 -5.70 -15.34
CA ASN A 286 5.51 -4.64 -14.96
C ASN A 286 5.22 -4.65 -13.47
N ALA A 287 6.06 -5.34 -12.71
CA ALA A 287 5.92 -5.40 -11.26
C ALA A 287 6.68 -4.23 -10.61
N TYR A 288 6.22 -3.00 -10.91
CA TYR A 288 6.91 -1.81 -10.39
C TYR A 288 5.90 -0.76 -9.93
N TRP A 289 6.32 -0.04 -8.89
CA TRP A 289 5.71 1.22 -8.52
C TRP A 289 6.39 2.32 -9.31
N ASP A 290 5.60 3.26 -9.81
CA ASP A 290 6.12 4.52 -10.39
C ASP A 290 5.36 5.62 -9.66
N ILE A 291 6.06 6.30 -8.77
CA ILE A 291 5.44 7.26 -7.87
C ILE A 291 5.94 8.66 -8.20
N ALA A 292 5.00 9.59 -8.43
CA ALA A 292 5.33 10.98 -8.76
C ALA A 292 5.65 11.80 -7.53
N SER A 293 4.92 11.57 -6.44
CA SER A 293 5.21 12.26 -5.18
C SER A 293 4.47 11.57 -4.05
N VAL A 294 4.99 11.75 -2.84
CA VAL A 294 4.23 11.48 -1.62
C VAL A 294 4.36 12.70 -0.77
N ARG A 295 3.22 13.24 -0.31
CA ARG A 295 3.24 14.46 0.51
C ARG A 295 2.47 14.18 1.78
N VAL A 296 2.98 14.72 2.89
CA VAL A 296 2.32 14.57 4.18
C VAL A 296 2.01 15.98 4.70
N TYR A 297 0.80 16.13 5.24
CA TYR A 297 0.33 17.39 5.83
C TYR A 297 -0.03 17.14 7.29
N GLN A 298 0.17 18.16 8.13
CA GLN A 298 -0.18 18.10 9.54
C GLN A 298 -0.79 19.42 9.98
#